data_7LUG
#
_entry.id   7LUG
#
_cell.length_a   84.284
_cell.length_b   34.107
_cell.length_c   89.222
_cell.angle_alpha   90.000
_cell.angle_beta   110.790
_cell.angle_gamma   90.000
#
_symmetry.space_group_name_H-M   'C 1 2 1'
#
loop_
_entity.id
_entity.type
_entity.pdbx_description
1 polymer 'Red Fluorescent pnRFP B30Y mutant'
2 non-polymer 'PHOSPHATE ION'
3 water water
#
_entity_poly.entity_id   1
_entity_poly.type   'polypeptide(L)'
_entity_poly.pdbx_seq_one_letter_code
;MGSRIGRLGSPVVSERMYPEDGALKSEIKYGLRLKDGGHYAAEVKTTYKAKKPVQLPGAYIVDIKLDIVSHNEDYTIVEQ
CERAEGRHSTGGMDELYKGGTGGSLVSKGEEDNMAIIKEFMRFKVHMEGSVNGHKFEIEGEGEGRPYEAFQTAKLKVTKG
GPLPFAWDILSPQF(NRQ)SKAYIKHPADIPDYFKLSFPEGFRWERVVNFEDGGIIHVNQDSSLQDGVFIYKVKLRGTNF
PPDGPVMQKKTMGWEATRDQHHHHHH
;
_entity_poly.pdbx_strand_id   A
#
loop_
_chem_comp.id
_chem_comp.type
_chem_comp.name
_chem_comp.formula
PO4 non-polymer 'PHOSPHATE ION' 'O4 P -3'
#
# COMPACT_ATOMS: atom_id res chain seq x y z
N GLY A 6 -8.05 -17.36 -5.41
CA GLY A 6 -8.01 -16.00 -6.03
C GLY A 6 -7.69 -14.92 -5.00
N ARG A 7 -8.08 -13.67 -5.28
CA ARG A 7 -7.66 -12.47 -4.50
C ARG A 7 -8.81 -11.94 -3.63
N LEU A 8 -9.91 -12.70 -3.49
CA LEU A 8 -11.02 -12.39 -2.56
C LEU A 8 -10.76 -13.08 -1.21
N GLY A 9 -11.05 -12.41 -0.10
CA GLY A 9 -10.80 -12.95 1.26
C GLY A 9 -9.33 -13.29 1.46
N SER A 10 -8.43 -12.37 1.08
CA SER A 10 -6.96 -12.51 1.21
C SER A 10 -6.59 -12.66 2.68
N PRO A 11 -5.51 -13.41 3.02
CA PRO A 11 -5.11 -13.57 4.41
C PRO A 11 -4.64 -12.24 5.03
N VAL A 12 -4.69 -12.16 6.36
CA VAL A 12 -4.20 -11.00 7.15
C VAL A 12 -2.67 -10.88 6.95
N VAL A 13 -2.20 -9.65 6.67
CA VAL A 13 -0.77 -9.29 6.64
C VAL A 13 -0.53 -8.33 7.81
N SER A 14 0.51 -8.58 8.62
CA SER A 14 0.81 -7.79 9.83
C SER A 14 1.96 -6.84 9.53
N GLU A 15 1.68 -5.54 9.41
CA GLU A 15 2.71 -4.49 9.24
C GLU A 15 3.23 -4.13 10.64
N ARG A 16 4.52 -4.34 10.88
CA ARG A 16 5.14 -4.15 12.22
C ARG A 16 5.66 -2.71 12.29
N MET A 17 4.98 -1.86 13.04
CA MET A 17 5.25 -0.41 13.14
C MET A 17 6.18 -0.17 14.32
N TYR A 18 7.17 0.71 14.17
CA TYR A 18 8.08 1.07 15.29
C TYR A 18 8.54 2.52 15.11
N PRO A 19 8.52 3.33 16.21
CA PRO A 19 9.06 4.69 16.13
C PRO A 19 10.59 4.61 16.06
N GLU A 20 11.21 5.37 15.15
CA GLU A 20 12.69 5.45 15.04
C GLU A 20 13.09 6.78 14.42
N ASP A 21 14.07 7.47 15.02
CA ASP A 21 14.66 8.71 14.47
C ASP A 21 13.56 9.77 14.29
N GLY A 22 12.57 9.81 15.18
CA GLY A 22 11.42 10.75 15.09
C GLY A 22 10.56 10.51 13.85
N ALA A 23 10.54 9.28 13.32
CA ALA A 23 9.63 8.84 12.24
C ALA A 23 8.90 7.57 12.71
N LEU A 24 7.83 7.18 12.01
CA LEU A 24 7.19 5.86 12.20
C LEU A 24 7.62 4.94 11.07
N LYS A 25 8.37 3.89 11.39
CA LYS A 25 8.88 2.95 10.38
C LYS A 25 8.07 1.65 10.46
N SER A 26 8.15 0.85 9.42
CA SER A 26 7.49 -0.47 9.40
C SER A 26 8.33 -1.48 8.62
N GLU A 27 8.12 -2.74 8.97
CA GLU A 27 8.73 -3.89 8.29
C GLU A 27 7.63 -4.92 8.08
N ILE A 28 7.62 -5.54 6.90
CA ILE A 28 6.81 -6.74 6.57
C ILE A 28 7.76 -7.73 5.89
N LYS A 29 7.84 -8.94 6.44
CA LYS A 29 8.53 -10.08 5.80
C LYS A 29 7.44 -11.08 5.39
N TYR A 30 7.18 -11.18 4.09
CA TYR A 30 6.16 -12.11 3.54
C TYR A 30 6.51 -12.45 2.09
N GLY A 31 5.53 -12.49 1.20
CA GLY A 31 5.77 -12.90 -0.19
C GLY A 31 4.48 -12.98 -0.98
N LEU A 32 4.64 -13.28 -2.27
CA LEU A 32 3.53 -13.51 -3.22
C LEU A 32 3.37 -15.02 -3.41
N ARG A 33 2.14 -15.50 -3.33
CA ARG A 33 1.76 -16.86 -3.77
C ARG A 33 1.88 -16.91 -5.29
N LEU A 34 2.45 -17.99 -5.82
CA LEU A 34 2.58 -18.19 -7.29
C LEU A 34 1.50 -19.16 -7.76
N LYS A 35 1.10 -19.05 -9.02
CA LYS A 35 0.02 -19.83 -9.67
C LYS A 35 0.33 -21.34 -9.60
N ASP A 36 1.61 -21.71 -9.53
CA ASP A 36 2.07 -23.12 -9.41
C ASP A 36 2.24 -23.49 -7.92
N GLY A 37 1.64 -22.71 -7.01
CA GLY A 37 1.66 -22.98 -5.55
C GLY A 37 2.99 -22.65 -4.90
N GLY A 38 3.96 -22.15 -5.67
CA GLY A 38 5.28 -21.72 -5.15
C GLY A 38 5.16 -20.47 -4.28
N HIS A 39 6.29 -20.03 -3.72
CA HIS A 39 6.42 -18.88 -2.79
C HIS A 39 7.47 -17.92 -3.36
N TYR A 40 7.17 -16.63 -3.36
CA TYR A 40 8.05 -15.55 -3.90
C TYR A 40 8.26 -14.54 -2.77
N ALA A 41 9.38 -14.64 -2.04
CA ALA A 41 9.64 -13.92 -0.78
C ALA A 41 9.91 -12.43 -1.07
N ALA A 42 9.42 -11.59 -0.18
CA ALA A 42 9.58 -10.12 -0.24
C ALA A 42 9.79 -9.58 1.17
N GLU A 43 10.66 -8.58 1.29
CA GLU A 43 10.79 -7.74 2.51
C GLU A 43 10.40 -6.32 2.14
N VAL A 44 9.50 -5.72 2.91
CA VAL A 44 9.02 -4.32 2.71
C VAL A 44 9.49 -3.51 3.92
N LYS A 45 10.20 -2.42 3.66
CA LYS A 45 10.60 -1.45 4.70
C LYS A 45 10.00 -0.10 4.31
N THR A 46 9.28 0.53 5.23
CA THR A 46 8.62 1.84 5.00
C THR A 46 9.04 2.81 6.11
N THR A 47 9.23 4.07 5.73
CA THR A 47 9.33 5.22 6.65
C THR A 47 8.16 6.15 6.39
N TYR A 48 7.37 6.39 7.43
CA TYR A 48 6.26 7.37 7.47
C TYR A 48 6.72 8.54 8.34
N LYS A 49 6.58 9.75 7.83
CA LYS A 49 6.97 10.97 8.57
C LYS A 49 5.96 12.08 8.30
N ALA A 50 5.31 12.55 9.36
CA ALA A 50 4.38 13.69 9.37
C ALA A 50 5.13 14.94 8.90
N LYS A 51 4.43 15.84 8.20
CA LYS A 51 4.99 17.08 7.63
C LYS A 51 5.25 18.11 8.74
N LYS A 52 4.59 17.95 9.89
CA LYS A 52 4.80 18.71 11.14
C LYS A 52 5.17 17.72 12.25
N PRO A 53 5.83 18.16 13.35
CA PRO A 53 5.95 17.33 14.55
C PRO A 53 4.58 16.82 15.04
N VAL A 54 4.48 15.51 15.26
CA VAL A 54 3.27 14.80 15.77
C VAL A 54 3.73 13.80 16.83
N GLN A 55 2.88 13.55 17.84
CA GLN A 55 3.06 12.53 18.90
C GLN A 55 3.29 11.16 18.23
N LEU A 56 4.40 10.49 18.55
CA LEU A 56 4.70 9.13 18.02
C LEU A 56 4.07 8.09 18.95
N PRO A 57 3.51 6.97 18.40
CA PRO A 57 3.10 5.85 19.25
C PRO A 57 4.33 5.02 19.64
N GLY A 58 4.16 4.07 20.56
CA GLY A 58 5.13 2.96 20.75
C GLY A 58 5.02 2.00 19.58
N ALA A 59 5.87 0.97 19.52
CA ALA A 59 5.79 -0.07 18.47
C ALA A 59 4.44 -0.79 18.58
N TYR A 60 3.82 -1.11 17.45
CA TYR A 60 2.52 -1.81 17.41
C TYR A 60 2.37 -2.48 16.04
N ILE A 61 1.24 -3.19 15.86
CA ILE A 61 0.97 -4.02 14.66
C ILE A 61 -0.25 -3.45 13.95
N VAL A 62 -0.20 -3.32 12.63
CA VAL A 62 -1.40 -3.04 11.80
C VAL A 62 -1.74 -4.32 11.04
N ASP A 63 -2.87 -4.94 11.37
CA ASP A 63 -3.39 -6.14 10.66
C ASP A 63 -4.15 -5.65 9.42
N ILE A 64 -3.73 -6.08 8.23
CA ILE A 64 -4.26 -5.60 6.91
C ILE A 64 -4.84 -6.78 6.15
N LYS A 65 -6.11 -6.66 5.74
CA LYS A 65 -6.76 -7.54 4.74
C LYS A 65 -7.01 -6.69 3.48
N LEU A 66 -6.24 -6.93 2.42
CA LEU A 66 -6.40 -6.22 1.12
C LEU A 66 -6.88 -7.22 0.07
N ASP A 67 -8.01 -6.93 -0.57
CA ASP A 67 -8.60 -7.78 -1.65
C ASP A 67 -8.60 -7.00 -2.96
N ILE A 68 -8.32 -7.67 -4.07
CA ILE A 68 -8.80 -7.21 -5.41
C ILE A 68 -10.20 -7.77 -5.57
N VAL A 69 -11.21 -6.89 -5.59
CA VAL A 69 -12.64 -7.32 -5.55
C VAL A 69 -13.25 -7.29 -6.96
N SER A 70 -12.67 -6.52 -7.87
CA SER A 70 -13.12 -6.47 -9.28
C SER A 70 -12.03 -5.91 -10.21
N HIS A 71 -12.06 -6.32 -11.47
CA HIS A 71 -11.14 -5.83 -12.53
C HIS A 71 -11.74 -6.13 -13.89
N ASN A 72 -11.45 -5.32 -14.90
CA ASN A 72 -11.79 -5.63 -16.30
C ASN A 72 -10.74 -6.64 -16.80
N GLU A 73 -10.83 -7.00 -18.07
CA GLU A 73 -10.12 -8.20 -18.64
C GLU A 73 -8.61 -7.99 -18.62
N ASP A 74 -8.11 -6.75 -18.71
CA ASP A 74 -6.65 -6.48 -18.85
C ASP A 74 -6.13 -5.69 -17.64
N TYR A 75 -6.91 -5.64 -16.54
CA TYR A 75 -6.55 -4.92 -15.29
C TYR A 75 -6.18 -3.47 -15.59
N THR A 76 -6.87 -2.80 -16.51
CA THR A 76 -6.72 -1.34 -16.74
C THR A 76 -7.71 -0.60 -15.85
N ILE A 77 -8.72 -1.32 -15.35
CA ILE A 77 -9.64 -0.87 -14.27
C ILE A 77 -9.61 -1.93 -13.18
N VAL A 78 -9.31 -1.52 -11.94
CA VAL A 78 -9.14 -2.43 -10.77
C VAL A 78 -9.82 -1.80 -9.57
N GLU A 79 -10.57 -2.61 -8.84
CA GLU A 79 -11.21 -2.21 -7.58
C GLU A 79 -10.51 -2.99 -6.46
N GLN A 80 -10.03 -2.27 -5.45
CA GLN A 80 -9.37 -2.84 -4.25
C GLN A 80 -10.17 -2.45 -3.02
N CYS A 81 -10.21 -3.35 -2.05
CA CYS A 81 -10.91 -3.21 -0.75
C CYS A 81 -9.89 -3.50 0.34
N GLU A 82 -9.81 -2.66 1.38
CA GLU A 82 -8.82 -2.84 2.48
C GLU A 82 -9.53 -2.60 3.81
N ARG A 83 -9.26 -3.51 4.75
CA ARG A 83 -9.73 -3.44 6.15
C ARG A 83 -8.47 -3.54 7.02
N ALA A 84 -8.16 -2.50 7.78
CA ALA A 84 -6.91 -2.41 8.56
C ALA A 84 -7.22 -1.97 9.99
N GLU A 85 -6.62 -2.61 10.98
CA GLU A 85 -6.74 -2.12 12.38
C GLU A 85 -5.43 -2.36 13.14
N GLY A 86 -5.07 -1.37 13.95
CA GLY A 86 -3.91 -1.41 14.83
C GLY A 86 -4.20 -2.28 16.03
N ARG A 87 -3.17 -2.88 16.60
CA ARG A 87 -3.29 -3.66 17.86
C ARG A 87 -1.92 -3.65 18.52
N HIS A 88 -1.91 -3.92 19.82
CA HIS A 88 -0.67 -4.11 20.62
C HIS A 88 -0.05 -5.45 20.24
N SER A 89 1.27 -5.51 20.23
CA SER A 89 2.05 -6.78 20.16
CA SER A 89 2.05 -6.79 20.15
C SER A 89 1.76 -7.60 21.41
N THR A 90 1.70 -8.93 21.27
CA THR A 90 1.57 -9.89 22.40
C THR A 90 2.98 -10.37 22.82
N GLY A 91 4.00 -10.01 22.05
CA GLY A 91 5.41 -10.42 22.29
C GLY A 91 5.75 -11.69 21.55
N ALA A 115 -11.62 15.87 14.24
CA ALA A 115 -12.74 16.72 13.75
C ALA A 115 -12.60 16.99 12.24
N ILE A 116 -11.38 17.20 11.74
CA ILE A 116 -11.12 17.48 10.29
C ILE A 116 -11.06 16.15 9.51
N ILE A 117 -10.92 15.01 10.19
CA ILE A 117 -11.15 13.66 9.59
C ILE A 117 -12.57 13.24 9.95
N LYS A 118 -13.47 13.18 8.96
CA LYS A 118 -14.90 12.85 9.16
C LYS A 118 -15.08 11.33 9.12
N GLU A 119 -16.27 10.86 9.53
CA GLU A 119 -16.61 9.41 9.60
C GLU A 119 -16.56 8.79 8.21
N PHE A 120 -16.81 9.60 7.18
CA PHE A 120 -16.70 9.25 5.75
C PHE A 120 -15.74 10.21 5.06
N MET A 121 -14.78 9.66 4.30
CA MET A 121 -13.71 10.44 3.63
C MET A 121 -13.39 9.79 2.27
N ARG A 122 -13.31 10.63 1.24
CA ARG A 122 -12.88 10.23 -0.13
C ARG A 122 -11.39 10.49 -0.27
N PHE A 123 -10.76 9.80 -1.22
CA PHE A 123 -9.37 10.09 -1.61
C PHE A 123 -9.25 10.04 -3.13
N LYS A 124 -8.25 10.76 -3.64
CA LYS A 124 -7.83 10.71 -5.05
C LYS A 124 -6.37 10.31 -5.04
N VAL A 125 -5.94 9.47 -5.98
CA VAL A 125 -4.52 9.06 -6.07
C VAL A 125 -4.05 9.26 -7.51
N HIS A 126 -2.83 9.77 -7.65
CA HIS A 126 -2.09 9.88 -8.92
C HIS A 126 -0.76 9.14 -8.72
N MET A 127 -0.52 8.08 -9.49
CA MET A 127 0.76 7.33 -9.48
C MET A 127 1.42 7.51 -10.84
N GLU A 128 2.70 7.90 -10.82
CA GLU A 128 3.63 7.86 -11.98
C GLU A 128 4.66 6.77 -11.70
N GLY A 129 4.83 5.84 -12.63
CA GLY A 129 5.61 4.62 -12.37
C GLY A 129 6.47 4.19 -13.55
N SER A 130 7.53 3.44 -13.24
CA SER A 130 8.30 2.66 -14.21
CA SER A 130 8.26 2.63 -14.23
C SER A 130 8.72 1.33 -13.58
N VAL A 131 8.47 0.22 -14.25
CA VAL A 131 8.94 -1.12 -13.84
C VAL A 131 9.75 -1.70 -15.01
N ASN A 132 11.04 -1.96 -14.79
CA ASN A 132 11.97 -2.51 -15.81
C ASN A 132 11.94 -1.63 -17.06
N GLY A 133 11.82 -0.31 -16.88
CA GLY A 133 11.80 0.67 -17.97
C GLY A 133 10.43 0.84 -18.62
N HIS A 134 9.39 0.11 -18.21
CA HIS A 134 8.02 0.34 -18.76
C HIS A 134 7.35 1.43 -17.92
N LYS A 135 7.07 2.58 -18.55
CA LYS A 135 6.44 3.76 -17.91
C LYS A 135 4.93 3.55 -17.88
N PHE A 136 4.29 4.05 -16.83
CA PHE A 136 2.81 3.98 -16.69
C PHE A 136 2.35 5.07 -15.72
N GLU A 137 1.06 5.38 -15.81
CA GLU A 137 0.35 6.34 -14.94
C GLU A 137 -0.95 5.68 -14.52
N ILE A 138 -1.30 5.81 -13.24
CA ILE A 138 -2.58 5.31 -12.68
C ILE A 138 -3.25 6.48 -11.97
N GLU A 139 -4.53 6.68 -12.27
CA GLU A 139 -5.41 7.65 -11.57
C GLU A 139 -6.48 6.84 -10.84
N GLY A 140 -6.77 7.19 -9.60
CA GLY A 140 -7.78 6.47 -8.81
C GLY A 140 -8.60 7.39 -7.93
N GLU A 141 -9.75 6.88 -7.51
CA GLU A 141 -10.65 7.52 -6.53
C GLU A 141 -11.05 6.45 -5.53
N GLY A 142 -11.00 6.82 -4.26
CA GLY A 142 -11.32 5.92 -3.14
C GLY A 142 -12.27 6.57 -2.18
N GLU A 143 -12.79 5.78 -1.25
CA GLU A 143 -13.62 6.27 -0.14
C GLU A 143 -13.61 5.23 0.96
N GLY A 144 -13.96 5.66 2.17
CA GLY A 144 -14.04 4.71 3.28
C GLY A 144 -14.41 5.39 4.57
N ARG A 145 -14.37 4.61 5.63
CA ARG A 145 -14.74 5.02 7.00
C ARG A 145 -13.45 4.92 7.80
N PRO A 146 -12.71 6.03 7.95
CA PRO A 146 -11.35 6.00 8.50
C PRO A 146 -11.25 5.49 9.95
N TYR A 147 -12.35 5.52 10.72
CA TYR A 147 -12.39 5.06 12.14
C TYR A 147 -12.94 3.63 12.22
N GLU A 148 -13.44 3.08 11.11
CA GLU A 148 -14.15 1.78 11.09
C GLU A 148 -13.37 0.79 10.21
N ALA A 149 -12.11 1.10 9.92
CA ALA A 149 -11.14 0.20 9.27
C ALA A 149 -11.70 -0.32 7.94
N PHE A 150 -12.18 0.55 7.05
CA PHE A 150 -12.71 0.13 5.73
C PHE A 150 -12.44 1.19 4.67
N GLN A 151 -11.91 0.77 3.53
CA GLN A 151 -11.76 1.64 2.33
C GLN A 151 -11.82 0.81 1.06
N THR A 152 -12.29 1.42 -0.01
N THR A 152 -12.22 1.47 -0.02
CA THR A 152 -12.27 0.86 -1.37
CA THR A 152 -12.41 0.92 -1.39
C THR A 152 -11.68 1.92 -2.30
C THR A 152 -11.85 1.93 -2.40
N ALA A 153 -11.12 1.49 -3.42
CA ALA A 153 -10.57 2.38 -4.46
C ALA A 153 -10.84 1.75 -5.83
N LYS A 154 -11.18 2.60 -6.80
CA LYS A 154 -11.20 2.25 -8.24
C LYS A 154 -9.97 2.90 -8.88
N LEU A 155 -9.14 2.08 -9.52
CA LEU A 155 -7.86 2.51 -10.14
C LEU A 155 -7.96 2.30 -11.64
N LYS A 156 -7.46 3.26 -12.41
CA LYS A 156 -7.46 3.26 -13.89
C LYS A 156 -6.03 3.44 -14.36
N VAL A 157 -5.55 2.53 -15.21
CA VAL A 157 -4.26 2.73 -15.94
C VAL A 157 -4.55 3.73 -17.07
N THR A 158 -3.99 4.95 -16.97
CA THR A 158 -4.25 6.05 -17.94
C THR A 158 -3.11 6.12 -18.97
N LYS A 159 -1.95 5.54 -18.65
CA LYS A 159 -0.78 5.49 -19.56
C LYS A 159 -0.04 4.17 -19.32
N GLY A 160 0.44 3.57 -20.40
CA GLY A 160 1.30 2.37 -20.36
C GLY A 160 0.51 1.10 -20.12
N GLY A 161 -0.81 1.12 -20.36
CA GLY A 161 -1.68 -0.05 -20.14
C GLY A 161 -1.89 -0.86 -21.41
N PRO A 162 -2.24 -2.17 -21.32
CA PRO A 162 -2.23 -2.89 -20.05
C PRO A 162 -0.81 -3.08 -19.53
N LEU A 163 -0.65 -3.16 -18.21
CA LEU A 163 0.68 -3.26 -17.56
C LEU A 163 1.31 -4.60 -17.92
N PRO A 164 2.58 -4.63 -18.36
CA PRO A 164 3.26 -5.89 -18.67
C PRO A 164 3.93 -6.52 -17.44
N PHE A 165 3.27 -6.46 -16.28
CA PHE A 165 3.76 -7.01 -15.00
C PHE A 165 2.56 -7.21 -14.06
N ALA A 166 2.77 -8.01 -13.01
CA ALA A 166 1.74 -8.41 -12.03
C ALA A 166 1.17 -7.18 -11.32
N TRP A 167 -0.15 -7.05 -11.27
CA TRP A 167 -0.85 -5.99 -10.50
C TRP A 167 -0.44 -6.04 -9.03
N ASP A 168 -0.18 -7.25 -8.51
CA ASP A 168 0.06 -7.50 -7.06
C ASP A 168 1.15 -6.59 -6.52
N ILE A 169 2.15 -6.22 -7.32
CA ILE A 169 3.27 -5.38 -6.81
C ILE A 169 2.77 -3.94 -6.58
N LEU A 170 1.67 -3.52 -7.21
CA LEU A 170 1.13 -2.14 -7.03
C LEU A 170 0.11 -2.07 -5.90
N SER A 171 -0.58 -3.16 -5.57
CA SER A 171 -1.79 -3.15 -4.69
CA SER A 171 -1.80 -3.10 -4.71
C SER A 171 -1.48 -2.43 -3.37
N PRO A 172 -0.35 -2.74 -2.69
CA PRO A 172 -0.04 -2.08 -1.42
C PRO A 172 0.40 -0.60 -1.50
N GLN A 173 0.57 -0.05 -2.70
CA GLN A 173 1.08 1.35 -2.88
C GLN A 173 -0.09 2.34 -2.87
N PHE A 174 -1.33 1.87 -3.02
CA PHE A 174 -2.53 2.76 -3.16
C PHE A 174 -3.15 3.06 -1.81
N1 NRQ A 175 -3.15 2.31 -0.64
CE NRQ A 175 -8.09 0.75 -1.10
SD NRQ A 175 -6.75 -0.35 -0.82
CG1 NRQ A 175 -5.47 0.76 -0.32
CB1 NRQ A 175 -4.08 0.17 -0.53
CA1 NRQ A 175 -3.07 1.19 -0.08
C1 NRQ A 175 -2.03 0.87 0.95
N2 NRQ A 175 -1.96 -0.38 1.53
OH NRQ A 175 0.05 -6.74 1.64
CD2 NRQ A 175 -1.30 -3.36 1.98
CE2 NRQ A 175 -1.18 -4.69 1.61
CZ NRQ A 175 -0.08 -5.44 2.02
CE1 NRQ A 175 0.90 -4.86 2.81
CD1 NRQ A 175 0.77 -3.53 3.19
CG2 NRQ A 175 -0.33 -2.78 2.80
CB2 NRQ A 175 -0.32 -1.37 3.21
CA2 NRQ A 175 -0.94 -0.32 2.40
C2 NRQ A 175 -0.37 0.99 2.26
O2 NRQ A 175 0.67 1.38 2.92
N3 NRQ A 175 -1.06 1.72 1.42
CA3 NRQ A 175 -0.66 3.10 1.06
C3 NRQ A 175 -1.59 4.25 1.45
O3 NRQ A 175 -1.44 5.35 0.85
N SER A 176 -2.71 3.85 2.17
CA SER A 176 -3.80 4.77 2.52
C SER A 176 -3.96 4.70 4.05
N LYS A 177 -2.99 5.26 4.76
CA LYS A 177 -2.75 4.95 6.20
C LYS A 177 -3.81 5.64 7.09
N ALA A 178 -4.52 6.64 6.56
CA ALA A 178 -5.53 7.40 7.32
C ALA A 178 -6.73 6.50 7.69
N TYR A 179 -6.92 5.34 7.03
CA TYR A 179 -8.14 4.51 7.19
C TYR A 179 -7.87 3.29 8.09
N ILE A 180 -6.90 3.37 8.99
CA ILE A 180 -6.61 2.30 9.99
C ILE A 180 -7.35 2.64 11.27
N LYS A 181 -8.17 1.71 11.78
CA LYS A 181 -8.80 1.84 13.11
C LYS A 181 -7.72 1.64 14.17
N HIS A 182 -7.48 2.65 15.00
CA HIS A 182 -6.52 2.57 16.14
C HIS A 182 -7.33 2.43 17.43
N PRO A 183 -6.88 1.57 18.38
CA PRO A 183 -7.46 1.55 19.71
C PRO A 183 -7.22 2.89 20.41
N ALA A 184 -8.06 3.21 21.39
CA ALA A 184 -8.04 4.50 22.13
C ALA A 184 -6.61 4.79 22.62
N ASP A 185 -5.89 3.77 23.09
CA ASP A 185 -4.59 3.94 23.81
C ASP A 185 -3.39 4.00 22.84
N ILE A 186 -3.58 3.81 21.53
CA ILE A 186 -2.48 3.98 20.54
C ILE A 186 -2.73 5.27 19.77
N PRO A 187 -1.85 6.29 19.92
CA PRO A 187 -1.95 7.52 19.13
C PRO A 187 -1.99 7.16 17.63
N ASP A 188 -2.90 7.81 16.90
CA ASP A 188 -3.08 7.59 15.45
C ASP A 188 -2.21 8.62 14.71
N TYR A 189 -0.93 8.27 14.49
CA TYR A 189 0.10 9.15 13.86
C TYR A 189 -0.42 9.74 12.54
N PHE A 190 -1.08 8.92 11.73
CA PHE A 190 -1.57 9.27 10.38
C PHE A 190 -2.69 10.31 10.49
N LYS A 191 -3.70 10.08 11.33
CA LYS A 191 -4.86 10.99 11.46
C LYS A 191 -4.41 12.29 12.13
N LEU A 192 -3.50 12.22 13.10
CA LEU A 192 -2.96 13.40 13.83
C LEU A 192 -2.16 14.31 12.91
N SER A 193 -1.59 13.81 11.81
CA SER A 193 -0.71 14.58 10.90
C SER A 193 -1.53 15.58 10.04
N PHE A 194 -2.84 15.38 9.90
CA PHE A 194 -3.72 16.22 9.04
C PHE A 194 -4.10 17.49 9.78
N PRO A 195 -4.45 18.60 9.08
CA PRO A 195 -4.59 18.62 7.62
C PRO A 195 -3.31 18.64 6.76
N GLU A 196 -2.15 18.95 7.33
CA GLU A 196 -0.85 19.02 6.59
C GLU A 196 -0.57 17.65 5.95
N GLY A 197 -0.68 16.58 6.73
CA GLY A 197 -0.53 15.20 6.25
C GLY A 197 0.89 14.69 6.44
N PHE A 198 1.30 13.74 5.61
CA PHE A 198 2.54 12.96 5.85
C PHE A 198 3.10 12.48 4.51
N ARG A 199 4.37 12.10 4.53
CA ARG A 199 5.08 11.51 3.37
C ARG A 199 5.50 10.10 3.76
N TRP A 200 5.68 9.21 2.79
CA TRP A 200 6.34 7.92 3.10
C TRP A 200 7.23 7.48 1.95
N GLU A 201 8.26 6.73 2.32
CA GLU A 201 9.27 6.17 1.41
C GLU A 201 9.32 4.68 1.71
N ARG A 202 9.29 3.85 0.68
CA ARG A 202 9.20 2.38 0.82
C ARG A 202 10.19 1.74 -0.14
N VAL A 203 10.87 0.70 0.34
CA VAL A 203 11.62 -0.24 -0.53
C VAL A 203 10.98 -1.61 -0.35
N VAL A 204 10.65 -2.25 -1.48
CA VAL A 204 10.28 -3.69 -1.55
C VAL A 204 11.45 -4.42 -2.20
N ASN A 205 12.05 -5.36 -1.46
CA ASN A 205 13.16 -6.22 -1.96
CA ASN A 205 13.16 -6.21 -1.98
C ASN A 205 12.63 -7.63 -2.15
N PHE A 206 12.64 -8.15 -3.38
CA PHE A 206 12.20 -9.53 -3.69
C PHE A 206 13.42 -10.46 -3.70
N GLU A 207 13.18 -11.74 -3.48
CA GLU A 207 14.26 -12.74 -3.33
C GLU A 207 15.03 -12.91 -4.65
N ASP A 208 14.52 -12.48 -5.81
CA ASP A 208 15.16 -12.71 -7.13
C ASP A 208 15.85 -11.43 -7.64
N GLY A 209 16.08 -10.43 -6.78
CA GLY A 209 16.80 -9.20 -7.16
C GLY A 209 15.84 -8.09 -7.61
N GLY A 210 14.58 -8.41 -7.88
CA GLY A 210 13.53 -7.39 -8.09
C GLY A 210 13.53 -6.42 -6.94
N ILE A 211 13.45 -5.12 -7.22
CA ILE A 211 13.41 -4.07 -6.16
C ILE A 211 12.48 -2.95 -6.60
N ILE A 212 11.70 -2.42 -5.66
CA ILE A 212 10.77 -1.28 -5.89
C ILE A 212 11.10 -0.20 -4.87
N HIS A 213 11.23 1.03 -5.35
CA HIS A 213 11.34 2.25 -4.52
C HIS A 213 10.07 3.09 -4.74
N VAL A 214 9.40 3.44 -3.66
CA VAL A 214 8.14 4.24 -3.68
C VAL A 214 8.31 5.47 -2.80
N ASN A 215 7.93 6.63 -3.32
CA ASN A 215 7.81 7.91 -2.57
C ASN A 215 6.35 8.37 -2.68
N GLN A 216 5.76 8.72 -1.55
CA GLN A 216 4.35 9.12 -1.50
C GLN A 216 4.21 10.40 -0.67
N ASP A 217 3.31 11.26 -1.11
CA ASP A 217 2.87 12.46 -0.35
C ASP A 217 1.37 12.32 -0.09
N SER A 218 0.95 12.41 1.16
CA SER A 218 -0.49 12.38 1.56
C SER A 218 -0.85 13.76 2.10
N SER A 219 -1.84 14.42 1.51
CA SER A 219 -2.35 15.74 1.98
C SER A 219 -3.87 15.68 2.03
N LEU A 220 -4.49 16.73 2.56
CA LEU A 220 -5.96 16.89 2.66
C LEU A 220 -6.34 18.23 2.01
N GLN A 221 -7.17 18.18 0.96
CA GLN A 221 -7.57 19.38 0.18
C GLN A 221 -9.07 19.30 -0.09
N ASP A 222 -9.83 20.31 0.38
CA ASP A 222 -11.29 20.44 0.16
C ASP A 222 -11.99 19.20 0.72
N GLY A 223 -11.56 18.70 1.88
CA GLY A 223 -12.15 17.55 2.59
C GLY A 223 -11.87 16.21 1.92
N VAL A 224 -10.92 16.14 0.98
CA VAL A 224 -10.54 14.92 0.22
C VAL A 224 -9.05 14.65 0.41
N PHE A 225 -8.66 13.42 0.75
CA PHE A 225 -7.25 12.98 0.80
C PHE A 225 -6.69 12.99 -0.62
N ILE A 226 -5.50 13.56 -0.79
CA ILE A 226 -4.77 13.59 -2.08
C ILE A 226 -3.49 12.78 -1.91
N TYR A 227 -3.35 11.71 -2.68
CA TYR A 227 -2.19 10.80 -2.68
C TYR A 227 -1.42 11.01 -3.99
N LYS A 228 -0.16 11.44 -3.89
CA LYS A 228 0.77 11.52 -5.05
C LYS A 228 1.85 10.46 -4.85
N VAL A 229 1.97 9.53 -5.79
CA VAL A 229 2.88 8.35 -5.67
C VAL A 229 3.88 8.35 -6.84
N LYS A 230 5.17 8.21 -6.54
CA LYS A 230 6.26 7.93 -7.52
C LYS A 230 6.78 6.51 -7.26
N LEU A 231 6.83 5.67 -8.27
CA LEU A 231 7.25 4.25 -8.13
C LEU A 231 8.28 3.91 -9.20
N ARG A 232 9.40 3.31 -8.79
CA ARG A 232 10.47 2.82 -9.68
C ARG A 232 10.78 1.38 -9.29
N GLY A 233 10.47 0.44 -10.18
CA GLY A 233 10.80 -1.00 -10.04
C GLY A 233 11.87 -1.38 -11.06
N THR A 234 12.86 -2.16 -10.63
CA THR A 234 13.97 -2.56 -11.53
C THR A 234 14.51 -3.94 -11.15
N ASN A 235 15.29 -4.51 -12.08
CA ASN A 235 16.04 -5.77 -11.88
CA ASN A 235 16.04 -5.78 -11.91
C ASN A 235 15.07 -6.95 -11.73
N PHE A 236 13.86 -6.85 -12.27
CA PHE A 236 12.93 -8.01 -12.31
C PHE A 236 13.37 -8.93 -13.45
N PRO A 237 13.57 -10.23 -13.18
CA PRO A 237 13.90 -11.18 -14.25
C PRO A 237 12.78 -11.16 -15.28
N PRO A 238 13.08 -10.94 -16.57
CA PRO A 238 12.05 -10.96 -17.62
C PRO A 238 11.17 -12.21 -17.61
N ASP A 239 11.69 -13.35 -17.16
CA ASP A 239 10.95 -14.64 -17.13
C ASP A 239 10.49 -14.95 -15.70
N GLY A 240 10.68 -13.99 -14.78
CA GLY A 240 10.23 -14.10 -13.39
C GLY A 240 8.71 -14.00 -13.25
N PRO A 241 8.19 -14.31 -12.04
CA PRO A 241 6.76 -14.27 -11.77
C PRO A 241 6.09 -12.89 -11.88
N VAL A 242 6.84 -11.79 -11.71
CA VAL A 242 6.26 -10.41 -11.79
C VAL A 242 6.06 -10.07 -13.27
N MET A 243 7.11 -10.19 -14.08
CA MET A 243 7.05 -9.81 -15.52
C MET A 243 6.22 -10.84 -16.29
N GLN A 244 6.05 -12.07 -15.79
CA GLN A 244 5.25 -13.12 -16.48
C GLN A 244 3.85 -13.24 -15.86
N LYS A 245 3.50 -12.40 -14.88
CA LYS A 245 2.16 -12.36 -14.24
C LYS A 245 1.79 -13.78 -13.74
N LYS A 246 2.64 -14.37 -12.92
CA LYS A 246 2.44 -15.72 -12.33
C LYS A 246 2.10 -15.60 -10.84
N THR A 247 1.77 -14.41 -10.34
CA THR A 247 1.50 -14.18 -8.91
C THR A 247 -0.01 -14.27 -8.67
N MET A 248 -0.40 -14.62 -7.45
N MET A 248 -0.42 -14.68 -7.47
CA MET A 248 -1.80 -14.93 -7.05
CA MET A 248 -1.83 -14.91 -7.07
C MET A 248 -2.10 -14.29 -5.68
C MET A 248 -2.08 -14.30 -5.68
N GLY A 249 -1.64 -13.05 -5.47
CA GLY A 249 -1.87 -12.30 -4.22
C GLY A 249 -0.79 -12.52 -3.19
N TRP A 250 -0.80 -11.70 -2.14
CA TRP A 250 0.20 -11.70 -1.04
C TRP A 250 -0.15 -12.80 -0.03
N GLU A 251 0.86 -13.40 0.61
CA GLU A 251 0.66 -14.47 1.62
C GLU A 251 0.55 -13.86 3.02
N ALA A 252 -0.02 -14.62 3.97
CA ALA A 252 -0.22 -14.24 5.39
C ALA A 252 1.11 -13.83 6.02
P PO4 B . 2.69 -10.24 17.86
O1 PO4 B . 3.25 -11.58 18.34
O2 PO4 B . 3.77 -9.18 17.98
O3 PO4 B . 2.25 -10.36 16.41
O4 PO4 B . 1.48 -9.87 18.71
#